data_4PMZ
#
_entry.id   4PMZ
#
_cell.length_a   72.056
_cell.length_b   49.238
_cell.length_c   83.035
_cell.angle_alpha   90.000
_cell.angle_beta   90.000
_cell.angle_gamma   90.000
#
_symmetry.space_group_name_H-M   'P 1 21 1'
#
loop_
_entity.id
_entity.type
_entity.pdbx_description
1 polymer Xylanase
2 branched beta-D-xylopyranose-(1-4)-beta-D-xylopyranose
3 non-polymer 'CALCIUM ION'
4 water water
#
_entity_poly.entity_id   1
_entity_poly.type   'polypeptide(L)'
_entity_poly.pdbx_seq_one_letter_code
;APLAATASKFLGCAYGAQQAPGFAQYWNKLTPENGGKWGSVEAVRDQMDWSTLDAAYRFAQANQMPFQMHVMVWGNQQPE
WIKTLRPAEQRREIEQWFAAVAQRYPDIALLEVVNEPLNDPPSKADTGGGNYLQALGGNGDSGWEWVLQSFRLARRHFPH
TKLMINDYSITSSAQATQKYLQIVRLLQRENLVDAIGVQEHAFETTPEVAVSVHRDNLDALAATGLPIYITEFDLDGPTD
AQQLADYKRVFPVFWEHPAVHGITLWGFRPGLWRDKEAAYLIRADGTERPALTWLRDYVAAHP
;
_entity_poly.pdbx_strand_id   A,B
#
# COMPACT_ATOMS: atom_id res chain seq x y z
N ALA A 1 -7.25 -24.74 -23.83
CA ALA A 1 -7.41 -23.49 -23.05
C ALA A 1 -7.65 -23.80 -21.57
N PRO A 2 -6.98 -23.05 -20.67
CA PRO A 2 -7.17 -23.28 -19.23
C PRO A 2 -8.61 -23.07 -18.79
N LEU A 3 -9.00 -23.74 -17.71
CA LEU A 3 -10.37 -23.72 -17.21
C LEU A 3 -10.91 -22.32 -16.93
N ALA A 4 -10.05 -21.43 -16.43
CA ALA A 4 -10.49 -20.08 -16.06
C ALA A 4 -10.17 -19.02 -17.11
N ALA A 5 -9.97 -19.46 -18.35
CA ALA A 5 -9.58 -18.57 -19.46
C ALA A 5 -10.44 -17.31 -19.58
N THR A 6 -11.75 -17.46 -19.39
CA THR A 6 -12.69 -16.34 -19.53
C THR A 6 -13.30 -15.87 -18.21
N ALA A 7 -12.69 -16.27 -17.10
CA ALA A 7 -13.17 -15.90 -15.76
C ALA A 7 -12.55 -14.61 -15.24
N SER A 8 -13.20 -14.02 -14.23
CA SER A 8 -12.74 -12.77 -13.61
C SER A 8 -11.70 -12.99 -12.51
N LYS A 9 -11.43 -14.25 -12.20
CA LYS A 9 -10.41 -14.62 -11.21
C LYS A 9 -9.66 -15.84 -11.73
N PHE A 10 -8.40 -16.00 -11.31
CA PHE A 10 -7.61 -17.11 -11.82
C PHE A 10 -7.91 -18.44 -11.14
N LEU A 11 -7.62 -19.53 -11.85
CA LEU A 11 -7.61 -20.85 -11.27
C LEU A 11 -6.25 -21.47 -11.58
N GLY A 12 -5.38 -21.46 -10.58
CA GLY A 12 -4.01 -21.91 -10.75
C GLY A 12 -3.74 -23.22 -10.07
N CYS A 13 -2.46 -23.62 -10.06
CA CYS A 13 -2.06 -24.89 -9.47
C CYS A 13 -0.61 -24.83 -9.02
N ALA A 14 -0.28 -25.64 -8.01
CA ALA A 14 1.11 -25.86 -7.61
C ALA A 14 1.87 -26.46 -8.78
N TYR A 15 3.05 -25.92 -9.06
CA TYR A 15 3.86 -26.35 -10.19
C TYR A 15 5.13 -27.07 -9.72
N GLY A 16 5.45 -28.15 -10.42
CA GLY A 16 6.64 -28.96 -10.16
C GLY A 16 6.69 -30.09 -11.18
N ALA A 17 7.75 -30.89 -11.13
CA ALA A 17 8.02 -31.93 -12.14
C ALA A 17 6.83 -32.87 -12.44
N GLN A 18 6.14 -33.31 -11.39
CA GLN A 18 5.01 -34.23 -11.55
C GLN A 18 3.72 -33.52 -11.96
N GLN A 19 3.64 -32.23 -11.72
CA GLN A 19 2.48 -31.42 -12.09
C GLN A 19 2.63 -30.78 -13.48
N ALA A 20 3.81 -30.93 -14.06
CA ALA A 20 4.15 -30.23 -15.32
C ALA A 20 3.34 -30.65 -16.56
N PRO A 21 3.15 -31.97 -16.80
CA PRO A 21 2.48 -32.36 -18.06
C PRO A 21 1.11 -31.71 -18.26
N GLY A 22 0.96 -31.01 -19.38
CA GLY A 22 -0.30 -30.36 -19.76
C GLY A 22 -0.72 -29.20 -18.86
N PHE A 23 0.18 -28.74 -17.99
CA PHE A 23 -0.15 -27.72 -16.99
C PHE A 23 -0.91 -26.52 -17.56
N ALA A 24 -0.37 -25.92 -18.62
CA ALA A 24 -0.94 -24.71 -19.22
C ALA A 24 -2.28 -24.93 -19.94
N GLN A 25 -2.64 -26.19 -20.16
CA GLN A 25 -3.93 -26.54 -20.75
C GLN A 25 -5.05 -26.53 -19.71
N TYR A 26 -4.68 -26.44 -18.42
CA TYR A 26 -5.63 -26.47 -17.32
C TYR A 26 -5.63 -25.19 -16.49
N TRP A 27 -4.43 -24.70 -16.16
CA TRP A 27 -4.27 -23.66 -15.15
C TRP A 27 -3.69 -22.38 -15.72
N ASN A 28 -4.05 -21.25 -15.12
CA ASN A 28 -3.58 -19.94 -15.61
C ASN A 28 -2.92 -19.08 -14.53
N LYS A 29 -2.29 -19.75 -13.58
CA LYS A 29 -1.53 -19.12 -12.49
C LYS A 29 -0.77 -20.26 -11.80
N LEU A 30 0.41 -19.94 -11.25
CA LEU A 30 1.15 -20.97 -10.53
C LEU A 30 1.81 -20.53 -9.22
N THR A 31 2.08 -21.53 -8.39
CA THR A 31 2.90 -21.40 -7.20
C THR A 31 3.93 -22.51 -7.30
N PRO A 32 5.22 -22.19 -7.09
CA PRO A 32 6.21 -23.27 -7.02
C PRO A 32 5.95 -24.13 -5.79
N GLU A 33 5.88 -25.44 -5.97
CA GLU A 33 5.52 -26.34 -4.88
C GLU A 33 6.57 -26.37 -3.76
N ASN A 34 7.84 -26.39 -4.14
CA ASN A 34 8.94 -26.54 -3.17
C ASN A 34 10.16 -25.65 -3.41
N GLY A 35 10.39 -25.29 -4.68
CA GLY A 35 11.62 -24.61 -5.09
C GLY A 35 11.85 -23.23 -4.51
N GLY A 36 10.80 -22.59 -4.04
CA GLY A 36 10.88 -21.24 -3.47
C GLY A 36 11.02 -21.20 -1.95
N LYS A 37 11.00 -22.37 -1.33
CA LYS A 37 11.27 -22.46 0.10
C LYS A 37 12.75 -22.27 0.35
N TRP A 38 13.09 -21.56 1.42
CA TRP A 38 14.46 -21.14 1.68
C TRP A 38 15.45 -22.33 1.73
N GLY A 39 15.02 -23.42 2.38
CA GLY A 39 15.82 -24.64 2.44
C GLY A 39 16.11 -25.26 1.09
N SER A 40 15.24 -25.03 0.12
CA SER A 40 15.44 -25.52 -1.25
C SER A 40 16.51 -24.72 -1.98
N VAL A 41 16.55 -23.41 -1.74
CA VAL A 41 17.49 -22.52 -2.43
C VAL A 41 18.87 -22.51 -1.77
N GLU A 42 18.89 -22.43 -0.44
CA GLU A 42 20.14 -22.25 0.29
C GLU A 42 20.35 -23.34 1.33
N ALA A 43 20.31 -24.60 0.86
CA ALA A 43 20.59 -25.75 1.72
C ALA A 43 21.99 -25.67 2.31
N VAL A 44 22.93 -25.14 1.52
CA VAL A 44 24.29 -24.88 1.98
C VAL A 44 24.47 -23.36 2.02
N ARG A 45 24.95 -22.85 3.15
CA ARG A 45 25.07 -21.42 3.39
C ARG A 45 25.86 -20.70 2.29
N ASP A 46 25.27 -19.62 1.79
CA ASP A 46 25.89 -18.72 0.80
C ASP A 46 26.21 -19.32 -0.57
N GLN A 47 25.54 -20.43 -0.89
CA GLN A 47 25.44 -20.87 -2.27
C GLN A 47 23.97 -21.09 -2.62
N MET A 48 23.50 -20.39 -3.64
CA MET A 48 22.09 -20.40 -3.98
C MET A 48 21.83 -21.32 -5.16
N ASP A 49 20.99 -22.32 -4.93
CA ASP A 49 20.52 -23.20 -5.99
C ASP A 49 19.14 -22.71 -6.42
N TRP A 50 19.11 -21.92 -7.49
CA TRP A 50 17.88 -21.33 -8.00
C TRP A 50 17.17 -22.20 -9.03
N SER A 51 17.76 -23.35 -9.38
CA SER A 51 17.31 -24.15 -10.52
C SER A 51 15.80 -24.41 -10.53
N THR A 52 15.27 -24.97 -9.45
CA THR A 52 13.86 -25.34 -9.38
C THR A 52 12.94 -24.11 -9.39
N LEU A 53 13.34 -23.06 -8.67
CA LEU A 53 12.57 -21.82 -8.64
C LEU A 53 12.62 -21.10 -10.00
N ASP A 54 13.79 -21.11 -10.63
CA ASP A 54 13.96 -20.59 -12.00
C ASP A 54 13.01 -21.31 -12.97
N ALA A 55 12.95 -22.63 -12.84
CA ALA A 55 12.10 -23.47 -13.68
C ALA A 55 10.63 -23.04 -13.62
N ALA A 56 10.15 -22.78 -12.40
CA ALA A 56 8.78 -22.34 -12.18
C ALA A 56 8.53 -20.92 -12.71
N TYR A 57 9.49 -20.04 -12.44
CA TYR A 57 9.39 -18.64 -12.84
C TYR A 57 9.45 -18.49 -14.36
N ARG A 58 10.40 -19.19 -14.98
CA ARG A 58 10.55 -19.25 -16.45
C ARG A 58 9.28 -19.77 -17.12
N PHE A 59 8.70 -20.83 -16.56
CA PHE A 59 7.47 -21.40 -17.10
C PHE A 59 6.28 -20.44 -16.98
N ALA A 60 6.15 -19.80 -15.82
CA ALA A 60 5.07 -18.83 -15.59
C ALA A 60 5.13 -17.68 -16.59
N GLN A 61 6.32 -17.11 -16.79
CA GLN A 61 6.51 -16.00 -17.72
C GLN A 61 6.27 -16.41 -19.18
N ALA A 62 6.71 -17.61 -19.55
CA ALA A 62 6.54 -18.13 -20.90
C ALA A 62 5.07 -18.36 -21.26
N ASN A 63 4.25 -18.60 -20.24
CA ASN A 63 2.83 -18.84 -20.41
C ASN A 63 1.97 -17.69 -19.90
N GLN A 64 2.62 -16.57 -19.63
CA GLN A 64 1.99 -15.32 -19.19
C GLN A 64 0.96 -15.51 -18.07
N MET A 65 1.32 -16.33 -17.09
CA MET A 65 0.49 -16.57 -15.92
C MET A 65 1.12 -15.97 -14.68
N PRO A 66 0.29 -15.38 -13.79
CA PRO A 66 0.79 -14.78 -12.55
C PRO A 66 1.58 -15.77 -11.70
N PHE A 67 2.65 -15.28 -11.09
CA PHE A 67 3.56 -16.09 -10.30
C PHE A 67 3.45 -15.72 -8.82
N GLN A 68 3.07 -16.68 -8.00
CA GLN A 68 3.07 -16.48 -6.55
C GLN A 68 4.34 -17.06 -5.95
N MET A 69 5.16 -16.20 -5.35
CA MET A 69 6.36 -16.64 -4.65
C MET A 69 6.00 -17.29 -3.32
N HIS A 70 6.38 -18.56 -3.19
CA HIS A 70 6.11 -19.38 -2.02
C HIS A 70 7.45 -20.00 -1.64
N VAL A 71 8.06 -19.63 -0.50
CA VAL A 71 7.53 -18.70 0.51
C VAL A 71 8.74 -18.14 1.27
N MET A 72 8.65 -16.91 1.76
CA MET A 72 9.80 -16.27 2.39
C MET A 72 10.11 -16.78 3.79
N VAL A 73 9.10 -16.80 4.66
CA VAL A 73 9.25 -17.22 6.05
C VAL A 73 8.22 -18.32 6.36
N TRP A 74 8.72 -19.45 6.85
CA TRP A 74 7.90 -20.60 7.21
C TRP A 74 8.67 -21.46 8.22
N GLY A 75 7.97 -22.34 8.92
CA GLY A 75 8.57 -23.18 9.97
C GLY A 75 9.01 -24.56 9.53
N ASN A 76 8.93 -24.82 8.23
CA ASN A 76 9.46 -26.05 7.64
C ASN A 76 10.27 -25.76 6.38
N GLN A 77 11.11 -26.72 5.99
CA GLN A 77 11.94 -26.63 4.79
C GLN A 77 12.79 -25.35 4.75
N GLN A 78 13.31 -24.98 5.92
CA GLN A 78 14.24 -23.85 6.05
C GLN A 78 15.66 -24.42 6.08
N PRO A 79 16.67 -23.58 5.82
CA PRO A 79 18.05 -24.09 5.84
C PRO A 79 18.46 -24.60 7.23
N GLU A 80 19.27 -25.65 7.26
CA GLU A 80 19.70 -26.26 8.51
C GLU A 80 20.77 -25.46 9.26
N TRP A 81 21.65 -24.83 8.49
CA TRP A 81 22.80 -24.10 9.04
C TRP A 81 22.41 -22.86 9.84
N ILE A 82 21.20 -22.33 9.62
CA ILE A 82 20.79 -21.10 10.30
C ILE A 82 20.40 -21.31 11.77
N LYS A 83 20.05 -22.55 12.12
CA LYS A 83 19.46 -22.85 13.43
C LYS A 83 20.30 -22.45 14.63
N THR A 84 21.63 -22.62 14.52
CA THR A 84 22.53 -22.40 15.65
C THR A 84 23.26 -21.06 15.60
N LEU A 85 22.98 -20.25 14.59
CA LEU A 85 23.57 -18.92 14.47
C LEU A 85 22.95 -17.96 15.46
N ARG A 86 23.74 -16.99 15.92
CA ARG A 86 23.22 -15.95 16.81
C ARG A 86 22.16 -15.12 16.09
N PRO A 87 21.13 -14.66 16.82
CA PRO A 87 20.02 -13.95 16.18
C PRO A 87 20.45 -12.82 15.24
N ALA A 88 21.49 -12.07 15.60
CA ALA A 88 21.99 -11.00 14.74
C ALA A 88 22.47 -11.52 13.38
N GLU A 89 23.12 -12.68 13.38
CA GLU A 89 23.59 -13.27 12.13
C GLU A 89 22.47 -13.92 11.34
N GLN A 90 21.53 -14.55 12.04
CA GLN A 90 20.33 -15.09 11.40
C GLN A 90 19.59 -14.00 10.66
N ARG A 91 19.42 -12.84 11.31
CA ARG A 91 18.67 -11.73 10.72
C ARG A 91 19.31 -11.23 9.43
N ARG A 92 20.63 -11.11 9.43
CA ARG A 92 21.36 -10.70 8.23
C ARG A 92 21.16 -11.70 7.09
N GLU A 93 21.07 -12.98 7.43
CA GLU A 93 20.82 -14.04 6.45
C GLU A 93 19.40 -13.94 5.89
N ILE A 94 18.44 -13.63 6.75
CA ILE A 94 17.06 -13.44 6.33
C ILE A 94 16.97 -12.27 5.36
N GLU A 95 17.55 -11.13 5.74
CA GLU A 95 17.55 -9.94 4.89
C GLU A 95 18.20 -10.22 3.53
N GLN A 96 19.32 -10.94 3.53
CA GLN A 96 20.00 -11.32 2.29
C GLN A 96 19.11 -12.20 1.39
N TRP A 97 18.39 -13.13 2.01
CA TRP A 97 17.43 -14.00 1.33
C TRP A 97 16.31 -13.18 0.66
N PHE A 98 15.77 -12.21 1.39
CA PHE A 98 14.76 -11.30 0.83
C PHE A 98 15.30 -10.48 -0.34
N ALA A 99 16.49 -9.91 -0.18
CA ALA A 99 17.11 -9.11 -1.23
C ALA A 99 17.43 -9.95 -2.47
N ALA A 100 17.89 -11.18 -2.24
CA ALA A 100 18.23 -12.10 -3.34
C ALA A 100 17.01 -12.43 -4.20
N VAL A 101 15.90 -12.77 -3.55
CA VAL A 101 14.66 -13.09 -4.26
C VAL A 101 14.14 -11.87 -5.02
N ALA A 102 14.16 -10.70 -4.38
CA ALA A 102 13.72 -9.45 -5.00
C ALA A 102 14.52 -9.09 -6.24
N GLN A 103 15.84 -9.28 -6.16
CA GLN A 103 16.73 -8.99 -7.27
C GLN A 103 16.49 -9.93 -8.47
N ARG A 104 16.35 -11.21 -8.20
CA ARG A 104 16.28 -12.23 -9.26
C ARG A 104 14.92 -12.30 -9.94
N TYR A 105 13.86 -12.02 -9.19
CA TYR A 105 12.49 -12.21 -9.66
C TYR A 105 11.63 -10.94 -9.55
N PRO A 106 11.84 -9.97 -10.46
CA PRO A 106 11.15 -8.69 -10.35
C PRO A 106 9.66 -8.71 -10.67
N ASP A 107 9.19 -9.78 -11.32
CA ASP A 107 7.79 -9.86 -11.77
C ASP A 107 6.96 -10.85 -10.96
N ILE A 108 7.11 -10.82 -9.64
CA ILE A 108 6.28 -11.62 -8.75
C ILE A 108 4.91 -10.96 -8.61
N ALA A 109 3.85 -11.71 -8.88
CA ALA A 109 2.47 -11.20 -8.79
C ALA A 109 1.99 -11.11 -7.34
N LEU A 110 2.30 -12.14 -6.55
CA LEU A 110 1.96 -12.18 -5.13
C LEU A 110 3.12 -12.78 -4.36
N LEU A 111 3.62 -12.03 -3.36
CA LEU A 111 4.67 -12.54 -2.50
C LEU A 111 4.10 -13.05 -1.20
N GLU A 112 4.16 -14.37 -1.01
CA GLU A 112 3.79 -14.99 0.25
C GLU A 112 4.94 -14.77 1.22
N VAL A 113 4.77 -13.79 2.11
CA VAL A 113 5.85 -13.39 3.03
C VAL A 113 5.95 -14.35 4.20
N VAL A 114 4.81 -14.61 4.86
CA VAL A 114 4.74 -15.55 5.96
C VAL A 114 3.63 -16.56 5.71
N ASN A 115 3.97 -17.84 5.84
CA ASN A 115 3.01 -18.91 5.79
C ASN A 115 2.83 -19.53 7.18
N GLU A 116 1.57 -19.79 7.52
CA GLU A 116 1.21 -20.54 8.73
C GLU A 116 1.64 -19.93 10.08
N PRO A 117 1.39 -18.61 10.28
CA PRO A 117 1.79 -18.03 11.57
C PRO A 117 1.05 -18.64 12.77
N LEU A 118 -0.19 -19.07 12.57
CA LEU A 118 -0.97 -19.67 13.65
C LEU A 118 -0.63 -21.15 13.89
N ASN A 119 0.10 -21.76 12.96
CA ASN A 119 0.28 -23.21 12.96
C ASN A 119 1.72 -23.69 12.98
N ASP A 120 2.59 -22.99 12.25
CA ASP A 120 3.96 -23.45 12.05
C ASP A 120 4.95 -22.27 12.00
N PRO A 121 5.12 -21.54 13.12
CA PRO A 121 6.13 -20.48 13.17
C PRO A 121 7.53 -21.07 13.09
N PRO A 122 8.52 -20.28 12.64
CA PRO A 122 9.91 -20.74 12.54
C PRO A 122 10.64 -20.77 13.88
N SER A 123 10.07 -21.49 14.84
CA SER A 123 10.58 -21.51 16.21
C SER A 123 11.17 -22.86 16.64
N LYS A 124 11.11 -23.86 15.75
CA LYS A 124 11.62 -25.20 16.04
C LYS A 124 13.05 -25.40 15.56
N ALA A 125 13.78 -26.28 16.23
CA ALA A 125 15.16 -26.59 15.86
C ALA A 125 15.30 -27.99 15.24
N ASP A 126 14.19 -28.58 14.83
CA ASP A 126 14.20 -29.87 14.13
C ASP A 126 14.56 -29.69 12.66
N THR A 127 14.45 -30.76 11.87
CA THR A 127 14.86 -30.74 10.46
C THR A 127 14.05 -29.71 9.67
N GLY A 128 14.74 -28.68 9.16
CA GLY A 128 14.11 -27.63 8.38
C GLY A 128 13.32 -26.61 9.20
N GLY A 129 13.48 -26.66 10.52
CA GLY A 129 12.72 -25.78 11.42
C GLY A 129 13.10 -24.31 11.38
N GLY A 130 14.36 -24.04 11.04
CA GLY A 130 14.84 -22.66 10.95
C GLY A 130 15.32 -22.08 12.27
N ASN A 131 14.46 -22.16 13.29
CA ASN A 131 14.79 -21.71 14.65
C ASN A 131 15.27 -20.25 14.66
N TYR A 132 14.61 -19.40 13.87
CA TYR A 132 15.03 -18.01 13.76
C TYR A 132 13.96 -17.00 14.20
N LEU A 133 12.98 -17.46 14.97
CA LEU A 133 11.92 -16.59 15.48
C LEU A 133 12.47 -15.35 16.17
N GLN A 134 13.49 -15.53 17.00
CA GLN A 134 14.08 -14.43 17.77
C GLN A 134 14.86 -13.42 16.92
N ALA A 135 15.33 -13.87 15.76
CA ALA A 135 16.00 -12.98 14.81
C ALA A 135 15.02 -11.94 14.25
N LEU A 136 13.73 -12.27 14.30
CA LEU A 136 12.68 -11.38 13.83
C LEU A 136 11.92 -10.75 15.00
N GLY A 137 12.50 -10.82 16.20
CA GLY A 137 11.93 -10.16 17.37
C GLY A 137 11.00 -11.02 18.21
N GLY A 138 10.89 -12.30 17.86
CA GLY A 138 10.01 -13.24 18.58
C GLY A 138 8.57 -12.78 18.61
N ASN A 139 7.88 -13.09 19.70
CA ASN A 139 6.49 -12.65 19.89
C ASN A 139 6.40 -11.13 20.11
N GLY A 140 7.34 -10.59 20.87
CA GLY A 140 7.41 -9.15 21.13
C GLY A 140 6.20 -8.61 21.88
N ASP A 141 5.97 -7.31 21.76
CA ASP A 141 4.90 -6.62 22.48
C ASP A 141 3.50 -7.02 22.03
N SER A 142 3.31 -7.20 20.73
CA SER A 142 2.01 -7.48 20.15
C SER A 142 1.65 -8.97 20.16
N GLY A 143 2.66 -9.82 20.34
CA GLY A 143 2.49 -11.26 20.21
C GLY A 143 2.84 -11.77 18.83
N TRP A 144 2.99 -10.85 17.87
CA TRP A 144 3.30 -11.22 16.48
C TRP A 144 4.40 -10.36 15.86
N GLU A 145 5.36 -9.95 16.70
CA GLU A 145 6.46 -9.11 16.26
C GLU A 145 7.19 -9.70 15.05
N TRP A 146 7.43 -11.00 15.09
CA TRP A 146 8.16 -11.69 14.01
C TRP A 146 7.43 -11.60 12.66
N VAL A 147 6.10 -11.59 12.69
CA VAL A 147 5.31 -11.43 11.47
C VAL A 147 5.46 -9.98 10.97
N LEU A 148 5.36 -9.02 11.89
CA LEU A 148 5.53 -7.61 11.54
C LEU A 148 6.90 -7.37 10.90
N GLN A 149 7.96 -7.93 11.51
CA GLN A 149 9.30 -7.74 10.98
C GLN A 149 9.50 -8.37 9.61
N SER A 150 8.86 -9.53 9.38
CA SER A 150 8.90 -10.20 8.08
C SER A 150 8.28 -9.35 6.98
N PHE A 151 7.11 -8.78 7.26
CA PHE A 151 6.43 -7.93 6.27
C PHE A 151 7.11 -6.57 6.09
N ARG A 152 7.72 -6.04 7.15
CA ARG A 152 8.53 -4.82 7.05
C ARG A 152 9.69 -5.05 6.07
N LEU A 153 10.38 -6.19 6.24
CA LEU A 153 11.47 -6.56 5.34
C LEU A 153 10.99 -6.72 3.89
N ALA A 154 9.81 -7.31 3.72
CA ALA A 154 9.21 -7.49 2.40
C ALA A 154 8.90 -6.15 1.73
N ARG A 155 8.33 -5.21 2.48
CA ARG A 155 8.04 -3.88 1.96
C ARG A 155 9.30 -3.16 1.51
N ARG A 156 10.35 -3.25 2.32
CA ARG A 156 11.63 -2.61 2.06
C ARG A 156 12.26 -3.15 0.77
N HIS A 157 12.24 -4.48 0.61
CA HIS A 157 12.96 -5.13 -0.49
C HIS A 157 12.11 -5.36 -1.74
N PHE A 158 10.80 -5.39 -1.57
CA PHE A 158 9.86 -5.56 -2.69
C PHE A 158 8.89 -4.38 -2.73
N PRO A 159 9.37 -3.16 -3.05
CA PRO A 159 8.52 -1.97 -2.87
C PRO A 159 7.30 -1.86 -3.80
N HIS A 160 7.24 -2.68 -4.85
CA HIS A 160 6.12 -2.64 -5.80
C HIS A 160 5.34 -3.96 -5.87
N THR A 161 5.56 -4.84 -4.89
CA THR A 161 4.99 -6.19 -4.92
C THR A 161 3.84 -6.35 -3.91
N LYS A 162 2.75 -6.97 -4.36
CA LYS A 162 1.63 -7.30 -3.46
C LYS A 162 2.05 -8.37 -2.46
N LEU A 163 1.83 -8.07 -1.18
CA LEU A 163 2.29 -8.93 -0.08
C LEU A 163 1.14 -9.70 0.56
N MET A 164 1.34 -11.00 0.72
CA MET A 164 0.29 -11.88 1.23
C MET A 164 0.72 -12.66 2.47
N ILE A 165 -0.23 -12.81 3.39
CA ILE A 165 -0.12 -13.75 4.51
C ILE A 165 -0.93 -14.99 4.14
N ASN A 166 -0.48 -16.17 4.56
CA ASN A 166 -1.14 -17.43 4.24
C ASN A 166 -1.22 -18.31 5.47
N ASP A 167 -2.27 -19.11 5.58
CA ASP A 167 -2.43 -20.04 6.71
C ASP A 167 -3.50 -21.07 6.41
N TYR A 168 -3.63 -22.08 7.28
CA TYR A 168 -4.66 -23.09 7.15
C TYR A 168 -5.57 -23.18 8.38
N SER A 169 -6.71 -23.87 8.21
CA SER A 169 -7.71 -24.04 9.26
C SER A 169 -8.17 -22.69 9.83
N ILE A 170 -8.52 -21.79 8.92
CA ILE A 170 -8.99 -20.45 9.27
C ILE A 170 -10.51 -20.37 9.17
N THR A 171 -11.04 -20.66 7.99
CA THR A 171 -12.48 -20.47 7.72
C THR A 171 -13.36 -21.55 8.35
N SER A 172 -12.73 -22.59 8.88
CA SER A 172 -13.45 -23.67 9.57
C SER A 172 -14.00 -23.26 10.93
N SER A 173 -13.51 -22.15 11.49
CA SER A 173 -14.04 -21.64 12.76
C SER A 173 -13.90 -20.13 12.91
N ALA A 174 -14.93 -19.52 13.51
CA ALA A 174 -14.92 -18.09 13.82
C ALA A 174 -13.74 -17.71 14.71
N GLN A 175 -13.43 -18.53 15.71
CA GLN A 175 -12.32 -18.28 16.62
C GLN A 175 -10.98 -18.18 15.86
N ALA A 176 -10.73 -19.12 14.95
CA ALA A 176 -9.50 -19.10 14.15
C ALA A 176 -9.45 -17.90 13.21
N THR A 177 -10.60 -17.58 12.62
CA THR A 177 -10.72 -16.40 11.76
C THR A 177 -10.39 -15.13 12.54
N GLN A 178 -10.94 -15.02 13.75
CA GLN A 178 -10.67 -13.86 14.61
C GLN A 178 -9.20 -13.76 15.04
N LYS A 179 -8.56 -14.90 15.30
CA LYS A 179 -7.14 -14.96 15.64
C LYS A 179 -6.27 -14.47 14.48
N TYR A 180 -6.57 -14.98 13.29
CA TYR A 180 -5.87 -14.62 12.07
C TYR A 180 -6.02 -13.14 11.79
N LEU A 181 -7.24 -12.63 11.99
CA LEU A 181 -7.53 -11.21 11.75
C LEU A 181 -6.85 -10.28 12.76
N GLN A 182 -6.50 -10.80 13.93
CA GLN A 182 -5.69 -10.03 14.87
C GLN A 182 -4.30 -9.74 14.29
N ILE A 183 -3.72 -10.75 13.64
CA ILE A 183 -2.43 -10.58 12.96
C ILE A 183 -2.57 -9.58 11.81
N VAL A 184 -3.63 -9.72 11.02
CA VAL A 184 -3.91 -8.80 9.92
C VAL A 184 -4.10 -7.36 10.45
N ARG A 185 -4.84 -7.22 11.54
CA ARG A 185 -5.05 -5.94 12.23
C ARG A 185 -3.71 -5.29 12.59
N LEU A 186 -2.82 -6.06 13.21
CA LEU A 186 -1.50 -5.56 13.58
C LEU A 186 -0.69 -5.15 12.35
N LEU A 187 -0.76 -5.95 11.29
CA LEU A 187 -0.08 -5.63 10.04
C LEU A 187 -0.61 -4.35 9.41
N GLN A 188 -1.92 -4.13 9.49
CA GLN A 188 -2.55 -2.97 8.85
C GLN A 188 -2.31 -1.65 9.57
N ARG A 189 -1.86 -1.72 10.84
CA ARG A 189 -1.45 -0.51 11.58
C ARG A 189 -0.26 0.17 10.89
N GLU A 190 0.52 -0.63 10.17
CA GLU A 190 1.64 -0.13 9.38
C GLU A 190 1.43 -0.40 7.89
N ASN A 191 0.20 -0.76 7.53
CA ASN A 191 -0.18 -1.03 6.14
C ASN A 191 0.77 -2.01 5.44
N LEU A 192 1.04 -3.12 6.12
CA LEU A 192 2.08 -4.06 5.71
C LEU A 192 1.61 -5.23 4.86
N VAL A 193 0.30 -5.41 4.74
CA VAL A 193 -0.25 -6.58 4.03
C VAL A 193 -1.29 -6.19 2.98
N ASP A 194 -1.24 -6.86 1.84
CA ASP A 194 -2.09 -6.51 0.70
C ASP A 194 -3.13 -7.57 0.37
N ALA A 195 -2.91 -8.80 0.83
CA ALA A 195 -3.77 -9.92 0.49
C ALA A 195 -3.81 -10.96 1.61
N ILE A 196 -4.97 -11.62 1.73
CA ILE A 196 -5.16 -12.66 2.73
C ILE A 196 -5.33 -14.01 2.05
N GLY A 197 -4.44 -14.95 2.38
CA GLY A 197 -4.49 -16.29 1.83
C GLY A 197 -4.97 -17.31 2.86
N VAL A 198 -5.84 -18.21 2.43
CA VAL A 198 -6.20 -19.39 3.22
C VAL A 198 -6.02 -20.62 2.33
N GLN A 199 -5.38 -21.65 2.86
CA GLN A 199 -5.01 -22.82 2.08
C GLN A 199 -6.20 -23.64 1.57
N GLU A 200 -7.08 -24.02 2.49
CA GLU A 200 -8.25 -24.85 2.20
C GLU A 200 -7.91 -26.22 1.61
N HIS A 201 -6.96 -26.91 2.25
CA HIS A 201 -6.74 -28.33 1.99
C HIS A 201 -7.95 -29.14 2.43
N ALA A 202 -7.99 -30.40 1.99
CA ALA A 202 -9.10 -31.31 2.29
C ALA A 202 -9.44 -31.41 3.77
N PHE A 203 -8.42 -31.38 4.64
CA PHE A 203 -8.66 -31.50 6.08
C PHE A 203 -9.35 -30.28 6.68
N GLU A 204 -9.34 -29.17 5.94
CA GLU A 204 -9.94 -27.91 6.40
C GLU A 204 -11.42 -27.77 6.06
N THR A 205 -11.89 -28.56 5.09
CA THR A 205 -13.21 -28.35 4.50
C THR A 205 -14.15 -29.55 4.65
N THR A 206 -13.82 -30.45 5.57
CA THR A 206 -14.63 -31.64 5.82
C THR A 206 -16.05 -31.26 6.30
N PRO A 207 -17.05 -32.14 6.04
CA PRO A 207 -18.45 -31.74 6.20
C PRO A 207 -18.98 -31.58 7.65
N GLU A 208 -18.17 -31.90 8.66
CA GLU A 208 -18.64 -31.72 10.04
C GLU A 208 -18.81 -30.24 10.40
N VAL A 209 -18.15 -29.37 9.64
CA VAL A 209 -18.42 -27.94 9.65
C VAL A 209 -19.07 -27.60 8.30
N ALA A 210 -20.27 -27.03 8.35
CA ALA A 210 -21.02 -26.70 7.13
C ALA A 210 -20.30 -25.62 6.31
N VAL A 211 -20.45 -25.71 4.98
CA VAL A 211 -19.81 -24.74 4.06
C VAL A 211 -20.27 -23.30 4.29
N SER A 212 -21.48 -23.15 4.83
CA SER A 212 -22.02 -21.83 5.15
C SER A 212 -21.21 -21.12 6.23
N VAL A 213 -20.63 -21.90 7.15
CA VAL A 213 -19.72 -21.38 8.17
C VAL A 213 -18.43 -20.87 7.53
N HIS A 214 -17.92 -21.63 6.57
CA HIS A 214 -16.79 -21.19 5.76
C HIS A 214 -17.11 -19.88 5.04
N ARG A 215 -18.32 -19.80 4.47
CA ARG A 215 -18.75 -18.59 3.76
C ARG A 215 -18.84 -17.39 4.71
N ASP A 216 -19.41 -17.61 5.89
CA ASP A 216 -19.48 -16.56 6.92
C ASP A 216 -18.11 -16.05 7.31
N ASN A 217 -17.15 -16.98 7.44
CA ASN A 217 -15.79 -16.61 7.78
C ASN A 217 -15.04 -15.93 6.63
N LEU A 218 -15.38 -16.31 5.39
CA LEU A 218 -14.89 -15.58 4.23
C LEU A 218 -15.37 -14.13 4.26
N ASP A 219 -16.64 -13.94 4.61
CA ASP A 219 -17.20 -12.59 4.78
C ASP A 219 -16.40 -11.81 5.81
N ALA A 220 -16.09 -12.46 6.92
CA ALA A 220 -15.32 -11.84 8.01
C ALA A 220 -13.92 -11.40 7.55
N LEU A 221 -13.21 -12.28 6.85
CA LEU A 221 -11.91 -11.93 6.27
C LEU A 221 -12.04 -10.79 5.26
N ALA A 222 -13.11 -10.81 4.46
CA ALA A 222 -13.37 -9.82 3.43
C ALA A 222 -13.65 -8.43 4.00
N ALA A 223 -14.13 -8.37 5.24
CA ALA A 223 -14.47 -7.10 5.90
C ALA A 223 -13.27 -6.16 6.05
N THR A 224 -12.07 -6.72 5.96
CA THR A 224 -10.82 -5.96 6.01
C THR A 224 -10.62 -5.08 4.78
N GLY A 225 -11.36 -5.38 3.70
CA GLY A 225 -11.21 -4.69 2.43
C GLY A 225 -10.10 -5.27 1.57
N LEU A 226 -9.41 -6.29 2.10
CA LEU A 226 -8.31 -6.93 1.39
C LEU A 226 -8.82 -8.09 0.52
N PRO A 227 -8.19 -8.30 -0.65
CA PRO A 227 -8.56 -9.45 -1.47
C PRO A 227 -8.18 -10.77 -0.81
N ILE A 228 -9.03 -11.78 -1.00
CA ILE A 228 -8.81 -13.12 -0.48
C ILE A 228 -8.34 -14.05 -1.60
N TYR A 229 -7.36 -14.89 -1.28
CA TYR A 229 -6.93 -15.94 -2.19
C TYR A 229 -6.98 -17.29 -1.49
N ILE A 230 -7.53 -18.28 -2.19
CA ILE A 230 -7.50 -19.65 -1.73
C ILE A 230 -6.27 -20.28 -2.35
N THR A 231 -5.31 -20.68 -1.51
CA THR A 231 -3.94 -20.86 -1.97
C THR A 231 -3.49 -22.30 -2.24
N GLU A 232 -4.12 -23.27 -1.56
CA GLU A 232 -3.63 -24.65 -1.63
C GLU A 232 -4.79 -25.65 -1.55
N PHE A 233 -5.75 -25.48 -2.46
CA PHE A 233 -7.00 -26.21 -2.43
C PHE A 233 -6.81 -27.65 -2.90
N ASP A 234 -7.29 -28.60 -2.11
CA ASP A 234 -7.43 -29.99 -2.56
C ASP A 234 -8.63 -30.67 -1.91
N LEU A 235 -9.14 -31.69 -2.58
CA LEU A 235 -10.22 -32.52 -2.04
C LEU A 235 -9.91 -33.97 -2.32
N ASP A 236 -10.01 -34.79 -1.29
CA ASP A 236 -9.64 -36.20 -1.37
C ASP A 236 -10.56 -37.00 -2.27
N GLY A 237 -10.05 -38.11 -2.80
CA GLY A 237 -10.85 -38.96 -3.69
C GLY A 237 -10.67 -40.44 -3.47
N PRO A 238 -10.98 -40.94 -2.26
CA PRO A 238 -10.96 -42.39 -2.05
C PRO A 238 -11.85 -43.12 -3.06
N THR A 239 -12.96 -42.47 -3.44
CA THR A 239 -13.73 -42.87 -4.61
C THR A 239 -13.91 -41.63 -5.49
N ASP A 240 -14.12 -41.85 -6.78
CA ASP A 240 -14.44 -40.78 -7.72
C ASP A 240 -15.69 -40.02 -7.25
N ALA A 241 -16.69 -40.76 -6.80
CA ALA A 241 -17.96 -40.20 -6.34
C ALA A 241 -17.80 -39.25 -5.15
N GLN A 242 -17.01 -39.64 -4.15
CA GLN A 242 -16.79 -38.78 -2.98
C GLN A 242 -16.10 -37.48 -3.38
N GLN A 243 -15.09 -37.58 -4.24
CA GLN A 243 -14.38 -36.40 -4.72
C GLN A 243 -15.31 -35.47 -5.50
N LEU A 244 -16.15 -36.06 -6.36
CA LEU A 244 -17.13 -35.28 -7.13
C LEU A 244 -18.12 -34.58 -6.21
N ALA A 245 -18.69 -35.31 -5.26
CA ALA A 245 -19.64 -34.74 -4.31
C ALA A 245 -19.00 -33.60 -3.51
N ASP A 246 -17.76 -33.80 -3.05
CA ASP A 246 -17.08 -32.76 -2.29
C ASP A 246 -16.76 -31.52 -3.12
N TYR A 247 -16.37 -31.72 -4.38
CA TYR A 247 -16.14 -30.58 -5.28
C TYR A 247 -17.40 -29.76 -5.49
N LYS A 248 -18.52 -30.44 -5.71
CA LYS A 248 -19.82 -29.77 -5.87
C LYS A 248 -20.23 -29.00 -4.61
N ARG A 249 -19.93 -29.57 -3.44
CA ARG A 249 -20.31 -28.98 -2.16
C ARG A 249 -19.42 -27.80 -1.76
N VAL A 250 -18.12 -27.94 -1.99
CA VAL A 250 -17.12 -27.02 -1.43
C VAL A 250 -16.64 -25.94 -2.41
N PHE A 251 -16.25 -26.35 -3.61
CA PHE A 251 -15.63 -25.42 -4.57
C PHE A 251 -16.44 -24.15 -4.89
N PRO A 252 -17.76 -24.28 -5.17
CA PRO A 252 -18.54 -23.08 -5.51
C PRO A 252 -18.57 -22.00 -4.44
N VAL A 253 -18.53 -22.40 -3.16
CA VAL A 253 -18.56 -21.45 -2.05
C VAL A 253 -17.36 -20.51 -2.08
N PHE A 254 -16.19 -21.05 -2.43
CA PHE A 254 -15.00 -20.23 -2.58
C PHE A 254 -14.96 -19.50 -3.92
N TRP A 255 -15.29 -20.20 -4.99
CA TRP A 255 -15.23 -19.64 -6.34
C TRP A 255 -16.19 -18.46 -6.54
N GLU A 256 -17.37 -18.56 -5.94
CA GLU A 256 -18.41 -17.54 -6.11
C GLU A 256 -18.34 -16.39 -5.12
N HIS A 257 -17.42 -16.46 -4.15
CA HIS A 257 -17.28 -15.38 -3.18
C HIS A 257 -16.66 -14.15 -3.84
N PRO A 258 -17.30 -12.97 -3.69
CA PRO A 258 -16.87 -11.76 -4.39
C PRO A 258 -15.49 -11.24 -3.97
N ALA A 259 -15.04 -11.61 -2.77
CA ALA A 259 -13.74 -11.16 -2.26
C ALA A 259 -12.60 -12.12 -2.64
N VAL A 260 -12.95 -13.30 -3.13
CA VAL A 260 -11.95 -14.27 -3.58
C VAL A 260 -11.48 -13.91 -4.98
N HIS A 261 -10.20 -13.56 -5.10
CA HIS A 261 -9.63 -13.11 -6.36
C HIS A 261 -8.86 -14.19 -7.11
N GLY A 262 -8.88 -15.40 -6.57
CA GLY A 262 -8.25 -16.53 -7.24
C GLY A 262 -8.19 -17.75 -6.35
N ILE A 263 -8.16 -18.91 -7.00
CA ILE A 263 -7.96 -20.18 -6.31
C ILE A 263 -6.80 -20.90 -6.96
N THR A 264 -5.94 -21.48 -6.12
CA THR A 264 -4.83 -22.31 -6.56
C THR A 264 -5.04 -23.69 -5.98
N LEU A 265 -5.09 -24.70 -6.84
CA LEU A 265 -5.15 -26.09 -6.40
C LEU A 265 -3.76 -26.54 -6.00
N TRP A 266 -3.68 -27.35 -4.95
CA TRP A 266 -2.39 -27.87 -4.52
C TRP A 266 -2.05 -29.18 -5.24
N GLY A 267 -1.88 -29.07 -6.57
CA GLY A 267 -1.62 -30.22 -7.42
C GLY A 267 -2.87 -30.76 -8.10
N PHE A 268 -2.68 -31.48 -9.20
CA PHE A 268 -3.79 -32.11 -9.92
C PHE A 268 -3.47 -33.50 -10.47
N ARG A 269 -2.17 -33.81 -10.56
CA ARG A 269 -1.71 -35.13 -11.00
C ARG A 269 -1.16 -35.93 -9.83
N PRO A 270 -1.07 -37.27 -9.97
CA PRO A 270 -0.45 -38.07 -8.91
C PRO A 270 0.93 -37.57 -8.55
N GLY A 271 1.28 -37.71 -7.28
CA GLY A 271 2.54 -37.16 -6.78
C GLY A 271 2.36 -35.84 -6.06
N LEU A 272 1.14 -35.31 -6.12
CA LEU A 272 0.77 -34.13 -5.32
C LEU A 272 0.82 -34.47 -3.84
N TRP A 273 0.75 -33.45 -2.98
CA TRP A 273 0.94 -33.63 -1.55
C TRP A 273 0.01 -34.69 -0.94
N ARG A 274 -1.26 -34.63 -1.31
CA ARG A 274 -2.26 -35.58 -0.80
C ARG A 274 -2.52 -36.73 -1.79
N ASP A 275 -1.43 -37.29 -2.29
CA ASP A 275 -1.45 -38.45 -3.18
C ASP A 275 -2.08 -39.66 -2.51
N LYS A 276 -1.71 -39.90 -1.25
CA LYS A 276 -2.23 -41.04 -0.48
C LYS A 276 -3.75 -41.02 -0.39
N GLU A 277 -4.31 -39.82 -0.25
CA GLU A 277 -5.75 -39.61 -0.16
C GLU A 277 -6.40 -39.45 -1.54
N ALA A 278 -5.62 -39.66 -2.59
CA ALA A 278 -6.08 -39.59 -3.98
C ALA A 278 -6.78 -38.26 -4.30
N ALA A 279 -6.13 -37.17 -3.93
CA ALA A 279 -6.67 -35.83 -4.18
C ALA A 279 -6.47 -35.38 -5.63
N TYR A 280 -5.65 -36.13 -6.38
CA TYR A 280 -5.43 -35.82 -7.79
C TYR A 280 -6.71 -35.87 -8.62
N LEU A 281 -6.75 -35.07 -9.67
CA LEU A 281 -7.92 -34.96 -10.55
C LEU A 281 -7.73 -35.71 -11.85
N ILE A 282 -6.49 -36.11 -12.12
CA ILE A 282 -6.16 -36.95 -13.27
C ILE A 282 -5.47 -38.21 -12.74
N ARG A 283 -5.85 -39.35 -13.29
CA ARG A 283 -5.31 -40.64 -12.87
C ARG A 283 -3.92 -40.90 -13.44
N ALA A 284 -3.26 -41.95 -12.94
CA ALA A 284 -1.94 -42.36 -13.42
C ALA A 284 -1.90 -42.60 -14.92
N ASP A 285 -3.01 -43.07 -15.48
CA ASP A 285 -3.11 -43.36 -16.92
C ASP A 285 -3.45 -42.13 -17.77
N GLY A 286 -3.55 -40.96 -17.13
CA GLY A 286 -3.78 -39.71 -17.83
C GLY A 286 -5.23 -39.32 -18.02
N THR A 287 -6.15 -40.16 -17.57
CA THR A 287 -7.58 -39.89 -17.76
C THR A 287 -8.12 -38.95 -16.67
N GLU A 288 -9.07 -38.11 -17.06
CA GLU A 288 -9.68 -37.15 -16.15
C GLU A 288 -10.74 -37.82 -15.28
N ARG A 289 -10.73 -37.49 -13.99
CA ARG A 289 -11.70 -38.01 -13.04
C ARG A 289 -12.99 -37.19 -13.10
N PRO A 290 -14.13 -37.75 -12.64
CA PRO A 290 -15.40 -37.04 -12.74
C PRO A 290 -15.41 -35.64 -12.11
N ALA A 291 -14.67 -35.46 -11.01
CA ALA A 291 -14.57 -34.14 -10.37
C ALA A 291 -13.96 -33.09 -11.30
N LEU A 292 -13.01 -33.50 -12.15
CA LEU A 292 -12.38 -32.57 -13.09
C LEU A 292 -13.29 -32.25 -14.28
N THR A 293 -14.00 -33.27 -14.76
CA THR A 293 -15.02 -33.08 -15.79
C THR A 293 -16.03 -32.04 -15.32
N TRP A 294 -16.54 -32.21 -14.10
CA TRP A 294 -17.45 -31.26 -13.48
C TRP A 294 -16.83 -29.88 -13.35
N LEU A 295 -15.58 -29.83 -12.87
CA LEU A 295 -14.89 -28.56 -12.60
C LEU A 295 -14.79 -27.67 -13.83
N ARG A 296 -14.40 -28.27 -14.97
CA ARG A 296 -14.32 -27.53 -16.24
C ARG A 296 -15.65 -26.89 -16.61
N ASP A 297 -16.71 -27.68 -16.58
CA ASP A 297 -18.05 -27.18 -16.89
C ASP A 297 -18.51 -26.13 -15.89
N TYR A 298 -18.28 -26.39 -14.60
CA TYR A 298 -18.65 -25.44 -13.57
C TYR A 298 -17.95 -24.08 -13.74
N VAL A 299 -16.64 -24.10 -13.92
CA VAL A 299 -15.87 -22.86 -14.06
C VAL A 299 -16.28 -22.07 -15.30
N ALA A 300 -16.51 -22.77 -16.41
CA ALA A 300 -16.97 -22.15 -17.66
C ALA A 300 -18.33 -21.46 -17.48
N ALA A 301 -19.19 -22.06 -16.67
CA ALA A 301 -20.52 -21.53 -16.38
C ALA A 301 -20.51 -20.40 -15.34
N HIS A 302 -19.36 -20.20 -14.69
CA HIS A 302 -19.26 -19.18 -13.64
C HIS A 302 -18.07 -18.23 -13.83
N PRO A 303 -18.16 -17.31 -14.82
CA PRO A 303 -17.07 -16.38 -15.09
C PRO A 303 -17.06 -15.19 -14.13
N ALA B 1 14.00 7.98 16.91
CA ALA B 1 13.10 9.15 17.09
C ALA B 1 13.08 10.05 15.85
N PRO B 2 11.90 10.60 15.51
CA PRO B 2 11.82 11.49 14.34
C PRO B 2 12.71 12.73 14.49
N LEU B 3 13.13 13.28 13.37
CA LEU B 3 14.05 14.43 13.35
C LEU B 3 13.58 15.61 14.19
N ALA B 4 12.28 15.89 14.15
CA ALA B 4 11.73 17.06 14.85
C ALA B 4 11.12 16.71 16.21
N ALA B 5 11.53 15.57 16.78
CA ALA B 5 10.98 15.09 18.06
C ALA B 5 10.95 16.14 19.17
N THR B 6 12.00 16.98 19.23
CA THR B 6 12.13 17.98 20.29
C THR B 6 11.98 19.43 19.78
N ALA B 7 11.53 19.58 18.54
CA ALA B 7 11.36 20.89 17.92
C ALA B 7 9.98 21.50 18.21
N SER B 8 9.87 22.81 18.00
CA SER B 8 8.63 23.56 18.26
C SER B 8 7.68 23.56 17.05
N LYS B 9 8.13 22.96 15.94
CA LYS B 9 7.32 22.82 14.74
C LYS B 9 7.57 21.44 14.16
N PHE B 10 6.60 20.89 13.43
CA PHE B 10 6.74 19.54 12.91
C PHE B 10 7.58 19.48 11.63
N LEU B 11 8.17 18.32 11.40
CA LEU B 11 8.80 18.01 10.13
C LEU B 11 8.19 16.70 9.65
N GLY B 12 7.25 16.84 8.71
CA GLY B 12 6.49 15.70 8.23
C GLY B 12 6.89 15.28 6.82
N CYS B 13 6.14 14.34 6.27
CA CYS B 13 6.40 13.83 4.93
C CYS B 13 5.12 13.31 4.27
N ALA B 14 5.10 13.35 2.94
CA ALA B 14 4.07 12.66 2.16
C ALA B 14 4.12 11.17 2.47
N TYR B 15 2.95 10.58 2.69
CA TYR B 15 2.86 9.17 3.05
C TYR B 15 2.18 8.36 1.94
N GLY B 16 2.72 7.17 1.70
CA GLY B 16 2.22 6.23 0.70
C GLY B 16 3.09 4.99 0.73
N ALA B 17 2.74 3.99 -0.08
CA ALA B 17 3.39 2.68 -0.06
C ALA B 17 4.92 2.72 -0.13
N GLN B 18 5.47 3.54 -1.02
CA GLN B 18 6.92 3.63 -1.21
C GLN B 18 7.60 4.48 -0.14
N GLN B 19 6.83 5.33 0.53
CA GLN B 19 7.36 6.18 1.60
C GLN B 19 7.19 5.56 2.99
N ALA B 20 6.48 4.43 3.05
CA ALA B 20 6.14 3.78 4.33
C ALA B 20 7.33 3.27 5.17
N PRO B 21 8.28 2.53 4.55
CA PRO B 21 9.34 1.93 5.38
C PRO B 21 10.07 2.94 6.27
N GLY B 22 10.07 2.67 7.57
CA GLY B 22 10.75 3.51 8.56
C GLY B 22 10.20 4.91 8.75
N PHE B 23 9.02 5.18 8.18
CA PHE B 23 8.43 6.52 8.18
C PHE B 23 8.45 7.20 9.55
N ALA B 24 7.96 6.51 10.57
CA ALA B 24 7.83 7.07 11.92
C ALA B 24 9.18 7.29 12.63
N GLN B 25 10.25 6.72 12.08
CA GLN B 25 11.60 6.94 12.60
C GLN B 25 12.18 8.29 12.15
N TYR B 26 11.53 8.91 11.17
CA TYR B 26 12.01 10.16 10.59
C TYR B 26 11.06 11.33 10.77
N TRP B 27 9.77 11.09 10.53
CA TRP B 27 8.79 12.17 10.41
C TRP B 27 7.72 12.11 11.49
N ASN B 28 7.20 13.28 11.85
CA ASN B 28 6.20 13.36 12.92
C ASN B 28 4.91 14.09 12.52
N LYS B 29 4.59 14.01 11.23
CA LYS B 29 3.37 14.57 10.65
C LYS B 29 3.26 13.97 9.25
N LEU B 30 2.04 13.80 8.75
CA LEU B 30 1.89 13.29 7.40
C LEU B 30 0.80 13.95 6.55
N THR B 31 0.98 13.80 5.24
CA THR B 31 -0.02 14.15 4.24
C THR B 31 -0.16 12.91 3.36
N PRO B 32 -1.40 12.46 3.10
CA PRO B 32 -1.54 11.38 2.11
C PRO B 32 -1.13 11.86 0.73
N GLU B 33 -0.26 11.11 0.06
CA GLU B 33 0.27 11.54 -1.22
C GLU B 33 -0.79 11.63 -2.33
N ASN B 34 -1.68 10.64 -2.38
CA ASN B 34 -2.69 10.55 -3.45
C ASN B 34 -4.09 10.13 -3.01
N GLY B 35 -4.17 9.38 -1.91
CA GLY B 35 -5.42 8.76 -1.48
C GLY B 35 -6.56 9.69 -1.06
N GLY B 36 -6.23 10.95 -0.79
CA GLY B 36 -7.22 11.94 -0.36
C GLY B 36 -7.72 12.84 -1.48
N LYS B 37 -7.19 12.65 -2.67
CA LYS B 37 -7.68 13.36 -3.84
C LYS B 37 -9.02 12.73 -4.26
N TRP B 38 -9.95 13.58 -4.67
CA TRP B 38 -11.32 13.14 -4.94
C TRP B 38 -11.39 12.00 -5.96
N GLY B 39 -10.60 12.09 -7.03
CA GLY B 39 -10.52 11.05 -8.05
C GLY B 39 -10.02 9.71 -7.54
N SER B 40 -9.26 9.73 -6.45
CA SER B 40 -8.79 8.50 -5.81
C SER B 40 -9.90 7.81 -5.03
N VAL B 41 -10.76 8.60 -4.39
CA VAL B 41 -11.84 8.07 -3.55
C VAL B 41 -13.08 7.70 -4.37
N GLU B 42 -13.47 8.57 -5.29
CA GLU B 42 -14.71 8.39 -6.03
C GLU B 42 -14.48 8.35 -7.55
N ALA B 43 -13.62 7.44 -7.99
CA ALA B 43 -13.36 7.23 -9.41
C ALA B 43 -14.64 6.81 -10.14
N VAL B 44 -15.46 6.01 -9.46
CA VAL B 44 -16.79 5.65 -9.96
C VAL B 44 -17.82 6.36 -9.08
N ARG B 45 -18.77 7.04 -9.72
CA ARG B 45 -19.76 7.84 -9.01
C ARG B 45 -20.51 7.04 -7.95
N ASP B 46 -20.59 7.63 -6.75
CA ASP B 46 -21.34 7.10 -5.60
C ASP B 46 -20.88 5.74 -5.05
N GLN B 47 -19.66 5.35 -5.38
CA GLN B 47 -18.99 4.32 -4.61
C GLN B 47 -17.65 4.85 -4.14
N MET B 48 -17.48 4.87 -2.82
CA MET B 48 -16.29 5.47 -2.23
C MET B 48 -15.26 4.41 -1.92
N ASP B 49 -14.05 4.60 -2.44
CA ASP B 49 -12.91 3.75 -2.11
C ASP B 49 -12.01 4.52 -1.15
N TRP B 50 -12.20 4.26 0.14
CA TRP B 50 -11.47 4.96 1.20
C TRP B 50 -10.17 4.26 1.59
N SER B 51 -9.87 3.13 0.94
CA SER B 51 -8.78 2.26 1.39
C SER B 51 -7.44 2.97 1.61
N THR B 52 -6.98 3.69 0.59
CA THR B 52 -5.69 4.38 0.66
C THR B 52 -5.72 5.53 1.67
N LEU B 53 -6.81 6.29 1.70
CA LEU B 53 -6.96 7.38 2.66
C LEU B 53 -7.07 6.85 4.10
N ASP B 54 -7.82 5.75 4.27
CA ASP B 54 -7.89 5.06 5.56
C ASP B 54 -6.51 4.64 6.04
N ALA B 55 -5.72 4.08 5.14
CA ALA B 55 -4.36 3.63 5.44
C ALA B 55 -3.49 4.74 6.01
N ALA B 56 -3.58 5.93 5.41
CA ALA B 56 -2.81 7.09 5.86
C ALA B 56 -3.32 7.63 7.21
N TYR B 57 -4.64 7.71 7.34
CA TYR B 57 -5.30 8.20 8.55
C TYR B 57 -5.04 7.28 9.74
N ARG B 58 -5.18 5.97 9.53
CA ARG B 58 -4.93 4.94 10.53
C ARG B 58 -3.47 4.99 11.01
N PHE B 59 -2.55 5.11 10.06
CA PHE B 59 -1.12 5.20 10.38
C PHE B 59 -0.81 6.46 11.19
N ALA B 60 -1.38 7.59 10.77
CA ALA B 60 -1.18 8.86 11.48
C ALA B 60 -1.64 8.78 12.93
N GLN B 61 -2.84 8.24 13.14
CA GLN B 61 -3.41 8.10 14.48
C GLN B 61 -2.63 7.12 15.35
N ALA B 62 -2.17 6.02 14.74
CA ALA B 62 -1.40 5.00 15.46
C ALA B 62 -0.07 5.54 15.97
N ASN B 63 0.48 6.51 15.24
CA ASN B 63 1.76 7.12 15.59
C ASN B 63 1.60 8.53 16.15
N GLN B 64 0.35 8.87 16.45
CA GLN B 64 -0.03 10.17 17.04
C GLN B 64 0.67 11.36 16.38
N MET B 65 0.61 11.39 15.05
CA MET B 65 1.14 12.50 14.27
C MET B 65 -0.01 13.24 13.56
N PRO B 66 0.07 14.58 13.52
CA PRO B 66 -0.97 15.38 12.86
C PRO B 66 -1.21 14.94 11.43
N PHE B 67 -2.48 14.95 11.02
CA PHE B 67 -2.90 14.50 9.71
C PHE B 67 -3.38 15.70 8.91
N GLN B 68 -2.72 15.96 7.77
CA GLN B 68 -3.20 16.97 6.84
C GLN B 68 -3.98 16.32 5.71
N MET B 69 -5.25 16.66 5.61
CA MET B 69 -6.10 16.16 4.54
C MET B 69 -5.78 16.90 3.23
N HIS B 70 -5.33 16.13 2.24
CA HIS B 70 -4.95 16.61 0.93
C HIS B 70 -5.73 15.76 -0.07
N VAL B 71 -6.67 16.31 -0.83
CA VAL B 71 -7.06 17.73 -0.86
C VAL B 71 -8.51 17.78 -1.35
N MET B 72 -9.30 18.75 -0.89
CA MET B 72 -10.72 18.80 -1.23
C MET B 72 -11.00 19.23 -2.67
N VAL B 73 -10.43 20.38 -3.06
CA VAL B 73 -10.63 20.96 -4.38
C VAL B 73 -9.28 21.19 -5.06
N TRP B 74 -9.13 20.65 -6.27
CA TRP B 74 -7.91 20.77 -7.06
C TRP B 74 -8.23 20.48 -8.53
N GLY B 75 -7.35 20.90 -9.43
CA GLY B 75 -7.58 20.79 -10.88
C GLY B 75 -7.01 19.55 -11.53
N ASN B 76 -6.50 18.63 -10.72
CA ASN B 76 -6.03 17.33 -11.19
C ASN B 76 -6.53 16.22 -10.29
N GLN B 77 -6.49 15.00 -10.82
CA GLN B 77 -6.93 13.79 -10.10
C GLN B 77 -8.32 13.93 -9.47
N GLN B 78 -9.22 14.54 -10.22
CA GLN B 78 -10.63 14.65 -9.84
C GLN B 78 -11.41 13.56 -10.56
N PRO B 79 -12.62 13.22 -10.08
CA PRO B 79 -13.41 12.19 -10.74
C PRO B 79 -13.75 12.56 -12.18
N GLU B 80 -13.77 11.57 -13.07
CA GLU B 80 -14.04 11.80 -14.48
C GLU B 80 -15.52 12.05 -14.78
N TRP B 81 -16.38 11.35 -14.05
CA TRP B 81 -17.83 11.40 -14.26
C TRP B 81 -18.45 12.79 -13.98
N ILE B 82 -17.77 13.62 -13.19
CA ILE B 82 -18.34 14.92 -12.80
C ILE B 82 -18.26 15.97 -13.91
N LYS B 83 -17.37 15.77 -14.88
CA LYS B 83 -17.05 16.79 -15.88
C LYS B 83 -18.23 17.26 -16.73
N THR B 84 -19.14 16.33 -17.05
CA THR B 84 -20.23 16.61 -17.98
C THR B 84 -21.58 16.85 -17.29
N LEU B 85 -21.60 16.78 -15.97
CA LEU B 85 -22.82 17.03 -15.20
C LEU B 85 -23.14 18.52 -15.16
N ARG B 86 -24.43 18.84 -15.08
CA ARG B 86 -24.86 20.23 -14.94
CA ARG B 86 -24.90 20.22 -14.93
C ARG B 86 -24.32 20.81 -13.64
N PRO B 87 -23.96 22.12 -13.65
CA PRO B 87 -23.37 22.72 -12.44
C PRO B 87 -24.12 22.44 -11.14
N ALA B 88 -25.46 22.46 -11.18
CA ALA B 88 -26.25 22.17 -9.99
C ALA B 88 -25.99 20.77 -9.44
N GLU B 89 -25.85 19.79 -10.32
CA GLU B 89 -25.55 18.42 -9.89
C GLU B 89 -24.10 18.26 -9.44
N GLN B 90 -23.19 18.93 -10.14
CA GLN B 90 -21.78 18.97 -9.71
C GLN B 90 -21.66 19.48 -8.28
N ARG B 91 -22.35 20.58 -7.99
CA ARG B 91 -22.26 21.21 -6.67
C ARG B 91 -22.75 20.28 -5.56
N ARG B 92 -23.83 19.54 -5.82
CA ARG B 92 -24.33 18.56 -4.85
C ARG B 92 -23.32 17.46 -4.60
N GLU B 93 -22.60 17.05 -5.64
CA GLU B 93 -21.53 16.06 -5.51
C GLU B 93 -20.36 16.59 -4.68
N ILE B 94 -20.02 17.86 -4.90
CA ILE B 94 -18.96 18.51 -4.12
C ILE B 94 -19.34 18.54 -2.64
N GLU B 95 -20.55 19.00 -2.34
CA GLU B 95 -21.05 19.06 -0.98
C GLU B 95 -21.03 17.69 -0.30
N GLN B 96 -21.48 16.66 -1.03
CA GLN B 96 -21.48 15.29 -0.52
C GLN B 96 -20.06 14.80 -0.20
N TRP B 97 -19.11 15.13 -1.08
CA TRP B 97 -17.69 14.82 -0.90
C TRP B 97 -17.14 15.47 0.36
N PHE B 98 -17.47 16.74 0.58
CA PHE B 98 -17.08 17.45 1.80
C PHE B 98 -17.69 16.80 3.05
N ALA B 99 -18.99 16.52 3.01
CA ALA B 99 -19.69 15.89 4.12
C ALA B 99 -19.13 14.49 4.43
N ALA B 100 -18.82 13.74 3.38
CA ALA B 100 -18.27 12.38 3.52
C ALA B 100 -16.93 12.36 4.23
N VAL B 101 -16.03 13.25 3.84
CA VAL B 101 -14.71 13.36 4.48
C VAL B 101 -14.83 13.80 5.93
N ALA B 102 -15.71 14.79 6.18
CA ALA B 102 -15.97 15.31 7.51
C ALA B 102 -16.47 14.24 8.47
N GLN B 103 -17.40 13.41 7.98
CA GLN B 103 -17.98 12.33 8.78
C GLN B 103 -16.95 11.25 9.11
N ARG B 104 -16.17 10.83 8.11
CA ARG B 104 -15.26 9.70 8.28
C ARG B 104 -13.99 10.04 9.08
N TYR B 105 -13.52 11.27 8.93
CA TYR B 105 -12.21 11.67 9.50
C TYR B 105 -12.32 12.87 10.45
N PRO B 106 -12.82 12.65 11.67
CA PRO B 106 -13.06 13.77 12.59
C PRO B 106 -11.81 14.43 13.16
N ASP B 107 -10.66 13.75 13.10
CA ASP B 107 -9.44 14.26 13.72
C ASP B 107 -8.41 14.79 12.72
N ILE B 108 -8.87 15.50 11.69
CA ILE B 108 -7.98 16.15 10.73
C ILE B 108 -7.33 17.39 11.38
N ALA B 109 -6.01 17.46 11.34
CA ALA B 109 -5.27 18.57 11.94
C ALA B 109 -5.29 19.83 11.06
N LEU B 110 -5.12 19.63 9.76
CA LEU B 110 -5.19 20.71 8.78
C LEU B 110 -5.93 20.20 7.56
N LEU B 111 -7.00 20.90 7.18
CA LEU B 111 -7.74 20.57 5.96
C LEU B 111 -7.31 21.47 4.82
N GLU B 112 -6.66 20.87 3.82
CA GLU B 112 -6.31 21.57 2.60
C GLU B 112 -7.57 21.65 1.75
N VAL B 113 -8.22 22.82 1.77
CA VAL B 113 -9.51 22.99 1.08
C VAL B 113 -9.32 23.17 -0.42
N VAL B 114 -8.44 24.12 -0.78
CA VAL B 114 -8.11 24.37 -2.19
C VAL B 114 -6.60 24.34 -2.37
N ASN B 115 -6.14 23.57 -3.35
CA ASN B 115 -4.75 23.57 -3.75
C ASN B 115 -4.60 24.23 -5.12
N GLU B 116 -3.56 25.06 -5.24
CA GLU B 116 -3.15 25.67 -6.52
C GLU B 116 -4.17 26.55 -7.23
N PRO B 117 -4.81 27.50 -6.51
CA PRO B 117 -5.76 28.39 -7.18
C PRO B 117 -5.11 29.26 -8.26
N LEU B 118 -3.84 29.62 -8.07
CA LEU B 118 -3.13 30.45 -9.04
C LEU B 118 -2.60 29.66 -10.24
N ASN B 119 -2.55 28.34 -10.09
CA ASN B 119 -1.86 27.50 -11.07
C ASN B 119 -2.69 26.42 -11.74
N ASP B 120 -3.62 25.81 -10.99
CA ASP B 120 -4.37 24.67 -11.47
C ASP B 120 -5.81 24.65 -10.93
N PRO B 121 -6.63 25.64 -11.35
CA PRO B 121 -8.05 25.62 -10.97
C PRO B 121 -8.77 24.44 -11.61
N PRO B 122 -9.89 23.98 -11.00
CA PRO B 122 -10.66 22.86 -11.55
C PRO B 122 -11.54 23.27 -12.74
N SER B 123 -10.91 23.84 -13.76
CA SER B 123 -11.62 24.40 -14.90
C SER B 123 -11.38 23.64 -16.21
N LYS B 124 -10.56 22.59 -16.16
CA LYS B 124 -10.23 21.80 -17.36
C LYS B 124 -11.10 20.56 -17.48
N ALA B 125 -11.33 20.13 -18.72
CA ALA B 125 -12.11 18.93 -18.99
C ALA B 125 -11.26 17.74 -19.47
N ASP B 126 -9.95 17.83 -19.25
CA ASP B 126 -9.04 16.72 -19.57
C ASP B 126 -9.07 15.67 -18.44
N THR B 127 -8.16 14.69 -18.52
CA THR B 127 -8.14 13.58 -17.55
C THR B 127 -7.93 14.07 -16.13
N GLY B 128 -8.92 13.85 -15.28
CA GLY B 128 -8.88 14.27 -13.87
C GLY B 128 -9.05 15.76 -13.64
N GLY B 129 -9.48 16.48 -14.68
CA GLY B 129 -9.62 17.94 -14.61
C GLY B 129 -10.77 18.44 -13.76
N GLY B 130 -11.84 17.64 -13.67
CA GLY B 130 -12.99 18.00 -12.85
C GLY B 130 -14.03 18.87 -13.55
N ASN B 131 -13.57 19.97 -14.16
CA ASN B 131 -14.42 20.87 -14.93
C ASN B 131 -15.65 21.34 -14.14
N TYR B 132 -15.44 21.66 -12.87
CA TYR B 132 -16.54 22.05 -11.99
C TYR B 132 -16.42 23.46 -11.41
N LEU B 133 -15.57 24.29 -12.04
CA LEU B 133 -15.37 25.66 -11.59
C LEU B 133 -16.69 26.42 -11.45
N GLN B 134 -17.58 26.24 -12.42
CA GLN B 134 -18.86 26.96 -12.44
C GLN B 134 -19.85 26.47 -11.38
N ALA B 135 -19.69 25.23 -10.93
CA ALA B 135 -20.48 24.70 -9.83
C ALA B 135 -20.20 25.43 -8.52
N LEU B 136 -19.03 26.06 -8.46
CA LEU B 136 -18.61 26.83 -7.28
C LEU B 136 -18.66 28.33 -7.55
N GLY B 137 -19.38 28.72 -8.61
CA GLY B 137 -19.61 30.14 -8.91
C GLY B 137 -18.62 30.78 -9.85
N GLY B 138 -17.69 29.98 -10.39
CA GLY B 138 -16.65 30.48 -11.29
C GLY B 138 -15.81 31.57 -10.67
N ASN B 139 -15.35 32.51 -11.51
CA ASN B 139 -14.59 33.66 -11.01
C ASN B 139 -15.45 34.60 -10.19
N GLY B 140 -16.67 34.84 -10.65
CA GLY B 140 -17.62 35.69 -9.94
C GLY B 140 -17.18 37.13 -9.84
N ASP B 141 -17.73 37.84 -8.85
CA ASP B 141 -17.50 39.28 -8.68
C ASP B 141 -16.06 39.61 -8.28
N SER B 142 -15.50 38.82 -7.39
CA SER B 142 -14.18 39.07 -6.81
C SER B 142 -13.05 38.53 -7.69
N GLY B 143 -13.37 37.61 -8.58
CA GLY B 143 -12.37 36.90 -9.37
C GLY B 143 -12.01 35.56 -8.77
N TRP B 144 -12.42 35.33 -7.52
CA TRP B 144 -12.10 34.08 -6.82
C TRP B 144 -13.30 33.48 -6.10
N GLU B 145 -14.49 33.67 -6.68
CA GLU B 145 -15.73 33.17 -6.09
C GLU B 145 -15.64 31.68 -5.75
N TRP B 146 -15.10 30.88 -6.69
CA TRP B 146 -14.99 29.44 -6.49
C TRP B 146 -14.14 29.05 -5.27
N VAL B 147 -13.13 29.85 -4.96
CA VAL B 147 -12.32 29.62 -3.77
C VAL B 147 -13.13 29.96 -2.52
N LEU B 148 -13.83 31.09 -2.54
CA LEU B 148 -14.72 31.47 -1.44
C LEU B 148 -15.76 30.40 -1.16
N GLN B 149 -16.41 29.89 -2.21
CA GLN B 149 -17.43 28.86 -2.05
C GLN B 149 -16.86 27.55 -1.50
N SER B 150 -15.64 27.21 -1.91
CA SER B 150 -14.97 26.02 -1.39
C SER B 150 -14.72 26.11 0.11
N PHE B 151 -14.21 27.26 0.57
CA PHE B 151 -13.94 27.46 1.99
C PHE B 151 -15.21 27.63 2.82
N ARG B 152 -16.25 28.22 2.22
CA ARG B 152 -17.55 28.30 2.88
C ARG B 152 -18.09 26.90 3.16
N LEU B 153 -17.98 26.02 2.17
CA LEU B 153 -18.41 24.63 2.32
C LEU B 153 -17.59 23.91 3.39
N ALA B 154 -16.29 24.20 3.43
CA ALA B 154 -15.40 23.62 4.43
C ALA B 154 -15.78 24.06 5.85
N ARG B 155 -16.04 25.35 6.04
CA ARG B 155 -16.48 25.87 7.33
C ARG B 155 -17.77 25.20 7.80
N ARG B 156 -18.72 25.05 6.87
CA ARG B 156 -20.02 24.47 7.16
C ARG B 156 -19.89 23.00 7.59
N HIS B 157 -19.06 22.23 6.89
CA HIS B 157 -18.97 20.79 7.12
C HIS B 157 -17.88 20.37 8.11
N PHE B 158 -16.89 21.23 8.31
CA PHE B 158 -15.80 20.98 9.26
C PHE B 158 -15.72 22.14 10.26
N PRO B 159 -16.73 22.27 11.16
CA PRO B 159 -16.81 23.47 12.01
C PRO B 159 -15.68 23.67 13.03
N HIS B 160 -14.91 22.62 13.31
CA HIS B 160 -13.82 22.70 14.29
C HIS B 160 -12.44 22.38 13.69
N THR B 161 -12.31 22.51 12.37
CA THR B 161 -11.09 22.13 11.67
C THR B 161 -10.36 23.35 11.10
N LYS B 162 -9.04 23.40 11.30
CA LYS B 162 -8.21 24.44 10.71
C LYS B 162 -8.16 24.29 9.19
N LEU B 163 -8.48 25.37 8.49
CA LEU B 163 -8.60 25.36 7.03
C LEU B 163 -7.41 26.03 6.36
N MET B 164 -6.85 25.35 5.37
CA MET B 164 -5.65 25.83 4.69
C MET B 164 -5.83 25.97 3.19
N ILE B 165 -5.25 27.04 2.65
CA ILE B 165 -5.05 27.21 1.22
C ILE B 165 -3.61 26.82 0.90
N ASN B 166 -3.38 26.23 -0.26
CA ASN B 166 -2.05 25.77 -0.67
C ASN B 166 -1.78 26.15 -2.12
N ASP B 167 -0.52 26.39 -2.45
CA ASP B 167 -0.12 26.73 -3.82
C ASP B 167 1.39 26.65 -3.98
N TYR B 168 1.85 26.79 -5.22
CA TYR B 168 3.28 26.80 -5.51
C TYR B 168 3.73 28.06 -6.26
N SER B 169 5.05 28.24 -6.33
CA SER B 169 5.68 29.42 -6.96
C SER B 169 5.13 30.73 -6.39
N ILE B 170 5.09 30.80 -5.06
CA ILE B 170 4.59 31.97 -4.35
C ILE B 170 5.75 32.85 -3.84
N THR B 171 6.62 32.26 -3.02
CA THR B 171 7.68 33.03 -2.36
C THR B 171 8.83 33.41 -3.31
N SER B 172 8.83 32.83 -4.50
CA SER B 172 9.84 33.14 -5.51
C SER B 172 9.69 34.53 -6.15
N SER B 173 8.54 35.17 -5.95
CA SER B 173 8.33 36.54 -6.43
C SER B 173 7.30 37.33 -5.62
N ALA B 174 7.60 38.61 -5.42
CA ALA B 174 6.69 39.53 -4.74
C ALA B 174 5.33 39.60 -5.44
N GLN B 175 5.35 39.60 -6.78
CA GLN B 175 4.11 39.67 -7.56
C GLN B 175 3.19 38.48 -7.28
N ALA B 176 3.76 37.27 -7.30
CA ALA B 176 2.99 36.06 -6.98
C ALA B 176 2.47 36.06 -5.54
N THR B 177 3.32 36.50 -4.61
CA THR B 177 2.93 36.62 -3.21
C THR B 177 1.75 37.59 -3.05
N GLN B 178 1.82 38.73 -3.73
CA GLN B 178 0.74 39.72 -3.70
C GLN B 178 -0.57 39.19 -4.28
N LYS B 179 -0.48 38.40 -5.37
CA LYS B 179 -1.67 37.80 -5.98
C LYS B 179 -2.31 36.77 -5.06
N TYR B 180 -1.47 35.93 -4.45
CA TYR B 180 -1.91 34.91 -3.50
C TYR B 180 -2.59 35.57 -2.31
N LEU B 181 -2.01 36.67 -1.84
CA LEU B 181 -2.56 37.41 -0.71
C LEU B 181 -3.87 38.14 -1.01
N GLN B 182 -4.14 38.38 -2.29
CA GLN B 182 -5.45 38.92 -2.68
C GLN B 182 -6.54 37.88 -2.40
N ILE B 183 -6.25 36.62 -2.71
CA ILE B 183 -7.17 35.52 -2.41
C ILE B 183 -7.36 35.39 -0.91
N VAL B 184 -6.26 35.44 -0.16
CA VAL B 184 -6.31 35.38 1.30
C VAL B 184 -7.14 36.56 1.86
N ARG B 185 -6.92 37.76 1.31
CA ARG B 185 -7.67 38.96 1.68
C ARG B 185 -9.19 38.76 1.50
N LEU B 186 -9.57 38.21 0.35
CA LEU B 186 -10.98 37.93 0.07
C LEU B 186 -11.54 36.89 1.04
N LEU B 187 -10.77 35.85 1.31
CA LEU B 187 -11.18 34.83 2.28
C LEU B 187 -11.36 35.39 3.68
N GLN B 188 -10.48 36.32 4.06
CA GLN B 188 -10.50 36.89 5.41
C GLN B 188 -11.66 37.85 5.66
N ARG B 189 -12.27 38.36 4.59
CA ARG B 189 -13.48 39.19 4.71
C ARG B 189 -14.61 38.40 5.36
N GLU B 190 -14.58 37.08 5.19
CA GLU B 190 -15.55 36.18 5.82
C GLU B 190 -14.86 35.25 6.80
N ASN B 191 -13.60 35.54 7.13
CA ASN B 191 -12.81 34.76 8.08
C ASN B 191 -12.80 33.26 7.74
N LEU B 192 -12.52 32.97 6.46
CA LEU B 192 -12.69 31.62 5.92
C LEU B 192 -11.43 30.76 5.92
N VAL B 193 -10.27 31.35 6.22
CA VAL B 193 -9.00 30.64 6.13
C VAL B 193 -8.17 30.77 7.41
N ASP B 194 -7.54 29.68 7.82
CA ASP B 194 -6.80 29.62 9.08
C ASP B 194 -5.30 29.47 8.91
N ALA B 195 -4.86 29.04 7.72
CA ALA B 195 -3.45 28.75 7.47
C ALA B 195 -3.09 28.93 6.01
N ILE B 196 -1.85 29.37 5.77
CA ILE B 196 -1.34 29.59 4.42
C ILE B 196 -0.25 28.56 4.09
N GLY B 197 -0.51 27.76 3.07
CA GLY B 197 0.46 26.78 2.60
C GLY B 197 1.18 27.20 1.33
N VAL B 198 2.49 26.96 1.29
CA VAL B 198 3.27 27.08 0.07
C VAL B 198 4.07 25.79 -0.09
N GLN B 199 4.05 25.22 -1.29
CA GLN B 199 4.63 23.90 -1.55
C GLN B 199 6.15 23.86 -1.40
N GLU B 200 6.84 24.77 -2.10
CA GLU B 200 8.31 24.84 -2.10
C GLU B 200 8.99 23.58 -2.64
N HIS B 201 8.51 23.09 -3.78
CA HIS B 201 9.21 22.07 -4.53
C HIS B 201 10.53 22.63 -5.06
N ALA B 202 11.39 21.73 -5.55
CA ALA B 202 12.71 22.10 -6.06
C ALA B 202 12.67 23.21 -7.12
N PHE B 203 11.66 23.17 -7.99
CA PHE B 203 11.57 24.15 -9.07
C PHE B 203 11.22 25.56 -8.57
N GLU B 204 10.74 25.65 -7.34
CA GLU B 204 10.36 26.93 -6.74
C GLU B 204 11.52 27.65 -6.05
N THR B 205 12.56 26.90 -5.70
CA THR B 205 13.61 27.42 -4.81
C THR B 205 15.00 27.45 -5.45
N THR B 206 15.06 27.37 -6.77
CA THR B 206 16.33 27.41 -7.52
C THR B 206 17.09 28.73 -7.27
N PRO B 207 18.43 28.71 -7.41
CA PRO B 207 19.25 29.83 -6.95
C PRO B 207 19.19 31.13 -7.77
N GLU B 208 18.51 31.14 -8.91
CA GLU B 208 18.43 32.37 -9.72
C GLU B 208 17.65 33.46 -8.99
N VAL B 209 16.82 33.05 -8.03
CA VAL B 209 16.19 33.96 -7.08
C VAL B 209 16.79 33.65 -5.70
N ALA B 210 17.40 34.66 -5.07
CA ALA B 210 18.07 34.47 -3.78
C ALA B 210 17.08 34.09 -2.68
N VAL B 211 17.56 33.31 -1.71
CA VAL B 211 16.71 32.84 -0.60
C VAL B 211 16.19 33.99 0.27
N SER B 212 16.91 35.11 0.27
CA SER B 212 16.49 36.30 1.00
C SER B 212 15.16 36.85 0.47
N VAL B 213 14.95 36.73 -0.84
CA VAL B 213 13.69 37.11 -1.48
C VAL B 213 12.55 36.21 -1.00
N HIS B 214 12.82 34.90 -0.93
CA HIS B 214 11.88 33.96 -0.34
C HIS B 214 11.55 34.33 1.10
N ARG B 215 12.57 34.72 1.87
CA ARG B 215 12.38 35.12 3.26
C ARG B 215 11.53 36.39 3.36
N ASP B 216 11.78 37.35 2.47
CA ASP B 216 10.99 38.59 2.41
C ASP B 216 9.52 38.29 2.10
N ASN B 217 9.29 37.35 1.18
CA ASN B 217 7.92 36.97 0.83
C ASN B 217 7.24 36.15 1.91
N LEU B 218 8.03 35.37 2.65
CA LEU B 218 7.53 34.71 3.87
C LEU B 218 7.05 35.75 4.88
N ASP B 219 7.85 36.81 5.07
CA ASP B 219 7.46 37.93 5.93
C ASP B 219 6.14 38.54 5.47
N ALA B 220 6.00 38.71 4.15
CA ALA B 220 4.78 39.26 3.56
C ALA B 220 3.56 38.38 3.85
N LEU B 221 3.68 37.07 3.63
CA LEU B 221 2.60 36.14 3.94
C LEU B 221 2.26 36.16 5.44
N ALA B 222 3.29 36.28 6.27
CA ALA B 222 3.15 36.28 7.73
C ALA B 222 2.45 37.53 8.26
N ALA B 223 2.46 38.61 7.50
CA ALA B 223 1.84 39.87 7.91
C ALA B 223 0.32 39.74 8.10
N THR B 224 -0.27 38.70 7.49
CA THR B 224 -1.68 38.37 7.65
C THR B 224 -2.02 37.94 9.08
N GLY B 225 -1.00 37.52 9.84
CA GLY B 225 -1.19 36.98 11.17
C GLY B 225 -1.52 35.50 11.17
N LEU B 226 -1.61 34.92 9.97
CA LEU B 226 -1.90 33.50 9.82
C LEU B 226 -0.64 32.66 9.86
N PRO B 227 -0.71 31.44 10.43
CA PRO B 227 0.45 30.55 10.39
C PRO B 227 0.76 30.07 8.98
N ILE B 228 2.05 29.93 8.69
CA ILE B 228 2.52 29.45 7.40
C ILE B 228 3.00 28.00 7.51
N TYR B 229 2.64 27.20 6.51
CA TYR B 229 3.14 25.84 6.40
C TYR B 229 3.82 25.63 5.06
N ILE B 230 4.98 25.01 5.09
CA ILE B 230 5.67 24.60 3.88
C ILE B 230 5.24 23.15 3.64
N THR B 231 4.52 22.92 2.55
CA THR B 231 3.68 21.74 2.43
C THR B 231 4.23 20.58 1.60
N GLU B 232 5.10 20.87 0.64
CA GLU B 232 5.56 19.83 -0.30
C GLU B 232 7.01 20.05 -0.70
N PHE B 233 7.87 20.12 0.30
CA PHE B 233 9.28 20.48 0.14
C PHE B 233 10.08 19.34 -0.48
N ASP B 234 10.84 19.66 -1.52
CA ASP B 234 11.85 18.75 -2.04
C ASP B 234 13.00 19.52 -2.67
N LEU B 235 14.17 18.87 -2.72
CA LEU B 235 15.36 19.42 -3.36
C LEU B 235 16.02 18.31 -4.15
N ASP B 236 16.35 18.62 -5.40
CA ASP B 236 16.88 17.62 -6.33
C ASP B 236 18.30 17.18 -5.95
N GLY B 237 18.68 16.00 -6.39
CA GLY B 237 19.99 15.45 -6.06
C GLY B 237 20.67 14.74 -7.21
N PRO B 238 20.91 15.46 -8.34
CA PRO B 238 21.68 14.83 -9.42
C PRO B 238 23.04 14.35 -8.93
N THR B 239 23.61 15.08 -7.97
CA THR B 239 24.72 14.57 -7.17
C THR B 239 24.36 14.75 -5.70
N ASP B 240 25.00 13.96 -4.84
CA ASP B 240 24.85 14.10 -3.39
C ASP B 240 25.24 15.51 -2.96
N ALA B 241 26.35 16.00 -3.52
CA ALA B 241 26.89 17.32 -3.20
C ALA B 241 25.92 18.47 -3.51
N GLN B 242 25.29 18.44 -4.68
CA GLN B 242 24.32 19.48 -5.04
C GLN B 242 23.14 19.49 -4.08
N GLN B 243 22.63 18.29 -3.77
CA GLN B 243 21.51 18.16 -2.84
C GLN B 243 21.86 18.72 -1.46
N LEU B 244 23.05 18.36 -0.96
CA LEU B 244 23.52 18.84 0.33
C LEU B 244 23.65 20.36 0.34
N ALA B 245 24.32 20.91 -0.68
CA ALA B 245 24.49 22.36 -0.81
C ALA B 245 23.14 23.07 -0.82
N ASP B 246 22.19 22.53 -1.57
CA ASP B 246 20.86 23.13 -1.63
C ASP B 246 20.11 23.04 -0.31
N TYR B 247 20.22 21.90 0.39
CA TYR B 247 19.60 21.79 1.71
C TYR B 247 20.15 22.82 2.69
N LYS B 248 21.47 22.98 2.70
CA LYS B 248 22.12 23.98 3.53
C LYS B 248 21.68 25.41 3.20
N ARG B 249 21.50 25.69 1.91
CA ARG B 249 21.13 27.02 1.45
C ARG B 249 19.65 27.34 1.65
N VAL B 250 18.78 26.37 1.40
CA VAL B 250 17.33 26.61 1.32
C VAL B 250 16.58 26.28 2.60
N PHE B 251 16.82 25.08 3.16
CA PHE B 251 16.02 24.58 4.29
C PHE B 251 15.99 25.51 5.53
N PRO B 252 17.15 26.03 5.98
CA PRO B 252 17.14 26.86 7.19
C PRO B 252 16.26 28.11 7.09
N VAL B 253 16.17 28.69 5.91
CA VAL B 253 15.37 29.91 5.68
C VAL B 253 13.88 29.66 6.03
N PHE B 254 13.39 28.49 5.66
CA PHE B 254 12.01 28.11 5.98
C PHE B 254 11.87 27.61 7.41
N TRP B 255 12.79 26.74 7.83
CA TRP B 255 12.73 26.15 9.16
C TRP B 255 12.84 27.18 10.28
N GLU B 256 13.67 28.19 10.07
CA GLU B 256 13.94 29.22 11.09
C GLU B 256 12.96 30.38 11.08
N HIS B 257 12.07 30.43 10.08
CA HIS B 257 11.10 31.52 10.02
C HIS B 257 10.05 31.37 11.12
N PRO B 258 9.85 32.44 11.94
CA PRO B 258 8.98 32.37 13.11
C PRO B 258 7.51 32.09 12.79
N ALA B 259 7.06 32.40 11.57
CA ALA B 259 5.68 32.17 11.17
C ALA B 259 5.44 30.79 10.56
N VAL B 260 6.53 30.07 10.29
CA VAL B 260 6.43 28.71 9.74
C VAL B 260 6.19 27.73 10.89
N HIS B 261 5.02 27.09 10.88
CA HIS B 261 4.62 26.19 11.96
C HIS B 261 4.84 24.72 11.63
N GLY B 262 5.39 24.45 10.45
CA GLY B 262 5.72 23.10 10.06
C GLY B 262 6.20 23.00 8.63
N ILE B 263 7.02 21.99 8.38
CA ILE B 263 7.45 21.66 7.03
C ILE B 263 7.14 20.21 6.75
N THR B 264 6.59 19.95 5.57
CA THR B 264 6.32 18.61 5.09
C THR B 264 7.14 18.38 3.82
N LEU B 265 7.99 17.36 3.85
CA LEU B 265 8.74 16.97 2.66
C LEU B 265 7.82 16.19 1.71
N TRP B 266 7.98 16.39 0.42
CA TRP B 266 7.18 15.64 -0.54
C TRP B 266 7.88 14.32 -0.91
N GLY B 267 7.99 13.45 0.09
CA GLY B 267 8.66 12.15 -0.06
C GLY B 267 10.10 12.18 0.39
N PHE B 268 10.65 11.01 0.70
CA PHE B 268 12.06 10.89 1.10
C PHE B 268 12.75 9.65 0.54
N ARG B 269 11.97 8.66 0.11
CA ARG B 269 12.49 7.44 -0.50
C ARG B 269 12.23 7.44 -2.02
N PRO B 270 12.99 6.63 -2.77
CA PRO B 270 12.73 6.53 -4.21
C PRO B 270 11.26 6.22 -4.51
N GLY B 271 10.76 6.76 -5.62
CA GLY B 271 9.35 6.61 -5.97
C GLY B 271 8.55 7.85 -5.62
N LEU B 272 9.17 8.79 -4.93
CA LEU B 272 8.59 10.11 -4.68
C LEU B 272 8.39 10.84 -6.01
N TRP B 273 7.64 11.94 -5.98
CA TRP B 273 7.25 12.66 -7.19
C TRP B 273 8.43 13.04 -8.06
N ARG B 274 9.47 13.59 -7.45
CA ARG B 274 10.68 14.00 -8.18
C ARG B 274 11.79 12.94 -8.12
N ASP B 275 11.38 11.69 -8.38
CA ASP B 275 12.30 10.56 -8.43
C ASP B 275 13.33 10.73 -9.55
N LYS B 276 12.88 11.18 -10.71
CA LYS B 276 13.77 11.38 -11.86
C LYS B 276 14.92 12.34 -11.54
N GLU B 277 14.60 13.39 -10.78
CA GLU B 277 15.58 14.40 -10.37
C GLU B 277 16.32 14.01 -9.09
N ALA B 278 16.09 12.77 -8.64
CA ALA B 278 16.74 12.20 -7.45
C ALA B 278 16.58 13.06 -6.18
N ALA B 279 15.35 13.49 -5.94
CA ALA B 279 15.05 14.32 -4.77
C ALA B 279 14.99 13.49 -3.47
N TYR B 280 14.97 12.17 -3.60
CA TYR B 280 14.96 11.30 -2.42
C TYR B 280 16.19 11.49 -1.53
N LEU B 281 16.01 11.26 -0.25
CA LEU B 281 17.06 11.45 0.76
C LEU B 281 17.69 10.13 1.20
N ILE B 282 17.02 9.03 0.84
CA ILE B 282 17.53 7.69 1.06
C ILE B 282 17.61 6.98 -0.29
N ARG B 283 18.71 6.27 -0.53
CA ARG B 283 18.94 5.58 -1.78
C ARG B 283 18.15 4.27 -1.85
N ALA B 284 18.13 3.66 -3.03
CA ALA B 284 17.46 2.37 -3.25
C ALA B 284 17.96 1.27 -2.30
N ASP B 285 19.24 1.34 -1.94
CA ASP B 285 19.84 0.34 -1.06
C ASP B 285 19.59 0.62 0.44
N GLY B 286 18.82 1.67 0.72
CA GLY B 286 18.42 1.99 2.09
C GLY B 286 19.37 2.93 2.84
N THR B 287 20.47 3.31 2.21
CA THR B 287 21.45 4.18 2.86
C THR B 287 21.05 5.65 2.80
N GLU B 288 21.38 6.40 3.85
CA GLU B 288 21.07 7.81 3.92
C GLU B 288 22.07 8.64 3.13
N ARG B 289 21.57 9.63 2.41
CA ARG B 289 22.40 10.53 1.61
C ARG B 289 22.92 11.68 2.48
N PRO B 290 24.02 12.33 2.05
CA PRO B 290 24.64 13.38 2.87
C PRO B 290 23.68 14.49 3.31
N ALA B 291 22.70 14.82 2.46
CA ALA B 291 21.71 15.84 2.81
C ALA B 291 20.86 15.44 4.02
N LEU B 292 20.55 14.14 4.13
CA LEU B 292 19.74 13.65 5.26
C LEU B 292 20.56 13.59 6.55
N THR B 293 21.82 13.19 6.42
CA THR B 293 22.78 13.23 7.53
C THR B 293 22.82 14.65 8.11
N TRP B 294 23.01 15.63 7.23
CA TRP B 294 23.02 17.04 7.60
C TRP B 294 21.69 17.47 8.23
N LEU B 295 20.59 17.08 7.61
CA LEU B 295 19.26 17.49 8.04
C LEU B 295 18.94 17.07 9.48
N ARG B 296 19.31 15.84 9.83
CA ARG B 296 19.09 15.36 11.20
C ARG B 296 19.84 16.22 12.21
N ASP B 297 21.12 16.46 11.94
CA ASP B 297 21.95 17.30 12.81
C ASP B 297 21.45 18.73 12.85
N TYR B 298 21.05 19.27 11.70
CA TYR B 298 20.55 20.63 11.64
C TYR B 298 19.27 20.82 12.46
N VAL B 299 18.29 19.92 12.25
CA VAL B 299 17.00 20.02 12.95
C VAL B 299 17.16 19.87 14.47
N ALA B 300 17.99 18.92 14.89
CA ALA B 300 18.30 18.72 16.31
C ALA B 300 18.88 19.99 16.94
N ALA B 301 19.73 20.68 16.17
CA ALA B 301 20.35 21.93 16.61
C ALA B 301 19.43 23.16 16.53
N HIS B 302 18.26 23.00 15.90
CA HIS B 302 17.35 24.14 15.75
C HIS B 302 15.91 23.82 16.20
N PRO B 303 15.70 23.69 17.54
CA PRO B 303 14.38 23.37 18.06
C PRO B 303 13.49 24.61 18.17
#